data_6OCL
#
_entry.id   6OCL
#
_cell.length_a   74.310
_cell.length_b   84.680
_cell.length_c   108.130
_cell.angle_alpha   90.00
_cell.angle_beta   90.00
_cell.angle_gamma   90.00
#
_symmetry.space_group_name_H-M   'P 21 21 21'
#
loop_
_entity.id
_entity.type
_entity.pdbx_description
1 polymer 'Serum albumin'
2 non-polymer '(2S)-2-[4-(thiophene-2-carbonyl)phenyl]propanoic acid'
3 non-polymer 'ACETATE ION'
4 non-polymer 'TRIETHYLENE GLYCOL'
5 water water
#
_entity_poly.entity_id   1
_entity_poly.type   'polypeptide(L)'
_entity_poly.pdbx_seq_one_letter_code
;EAHKSEIAHRFNDVGEEHFIGLVLITFSQYLQKCPYEEHAKLVKEVTDLAKACVADESAANCDKSLHDIFGDKICALPSL
RDTYGDVADCCEKKEPERNECFLHHKDDKPDLPPFARPEADVLCKAFHDDEKAFFGHYLYEVARRHPYFYAPELLYYAQK
YKAILTECCEAADKGACLTPKLDALKEKALISAAQERLRCASIQKFGDRAYKAWALVRLSQRFPKADFTDISKIVTDLTK
VHKECCHGDLLECADDRADLAKYMCEHQETISSHLKECCDKPILEKAHCIYGLHNDETPAGLPAVAEEFVEDKDVCKNYE
EAKDLFLGKFLYEYSRRHPDYSVVLLLRLGKAYEATLKKCCATDDPHACYAKVLDEFQPLVDEPKNLVKQNCELYEQLGD
YNFQNALLVRYTKKVPQVSTPTLVEISRSLGKVGSKCCKHPEAERLPCVEDYLSVVLNRLCVLHEKTPVSEKVTKCCSES
LVDRRPCFSALGPDETYVPKEFNAETFTFHADICTLPETERKIKKQTALVELVKHKPHATNDQLKTVVGEFTALLDKCCS
AEDKEACFAVEGPKLVESSKATLG
;
_entity_poly.pdbx_strand_id   A
#
loop_
_chem_comp.id
_chem_comp.type
_chem_comp.name
_chem_comp.formula
ACT non-polymer 'ACETATE ION' 'C2 H3 O2 -1'
M5A non-polymer '(2S)-2-[4-(thiophene-2-carbonyl)phenyl]propanoic acid' 'C14 H12 O3 S'
PGE non-polymer 'TRIETHYLENE GLYCOL' 'C6 H14 O4'
#
# COMPACT_ATOMS: atom_id res chain seq x y z
N LYS A 4 12.23 18.27 -30.34
CA LYS A 4 12.60 17.01 -29.64
C LYS A 4 12.29 17.00 -28.13
N SER A 5 12.63 18.11 -27.43
CA SER A 5 12.76 18.28 -25.90
C SER A 5 11.73 17.74 -24.90
N GLU A 6 12.13 16.75 -24.08
CA GLU A 6 11.22 15.99 -23.18
C GLU A 6 10.46 16.76 -22.09
N ILE A 7 11.18 17.60 -21.36
CA ILE A 7 10.65 18.47 -20.35
C ILE A 7 9.64 19.46 -20.91
N ALA A 8 9.83 19.88 -22.17
CA ALA A 8 8.86 20.76 -22.78
C ALA A 8 7.55 20.00 -23.08
N HIS A 9 7.71 18.86 -23.75
CA HIS A 9 6.62 17.99 -24.13
C HIS A 9 5.81 17.73 -22.84
N ARG A 10 6.49 17.24 -21.78
CA ARG A 10 5.85 16.96 -20.48
C ARG A 10 5.21 18.20 -19.85
N PHE A 11 5.93 19.32 -19.87
CA PHE A 11 5.39 20.57 -19.39
C PHE A 11 4.09 20.99 -20.04
N ASN A 12 4.10 21.00 -21.37
CA ASN A 12 2.95 21.32 -22.20
C ASN A 12 1.78 20.34 -21.97
N ASP A 13 2.13 19.10 -21.64
CA ASP A 13 1.20 17.99 -21.63
C ASP A 13 0.37 17.99 -20.36
N VAL A 14 1.02 18.14 -19.22
CA VAL A 14 0.32 18.05 -17.92
C VAL A 14 -0.07 19.44 -17.42
N GLY A 15 0.51 20.45 -18.07
CA GLY A 15 0.29 21.85 -17.73
C GLY A 15 1.12 22.21 -16.54
N GLU A 16 1.34 23.52 -16.36
CA GLU A 16 2.21 24.00 -15.29
C GLU A 16 1.93 23.48 -13.88
N GLU A 17 0.64 23.43 -13.50
CA GLU A 17 0.22 23.23 -12.11
C GLU A 17 0.60 21.84 -11.62
N HIS A 18 0.08 20.80 -12.28
CA HIS A 18 0.54 19.42 -12.13
C HIS A 18 2.04 19.18 -12.32
N PHE A 19 2.66 19.82 -13.34
CA PHE A 19 4.10 19.86 -13.50
C PHE A 19 4.87 20.20 -12.24
N ILE A 20 4.56 21.30 -11.57
CA ILE A 20 5.30 21.67 -10.34
C ILE A 20 5.23 20.53 -9.28
N GLY A 21 4.01 19.99 -9.15
CA GLY A 21 3.66 19.04 -8.08
C GLY A 21 4.39 17.76 -8.35
N LEU A 22 4.40 17.32 -9.61
CA LEU A 22 5.06 16.07 -9.91
C LEU A 22 6.57 16.16 -9.71
N VAL A 23 7.15 17.33 -9.88
CA VAL A 23 8.53 17.51 -9.73
C VAL A 23 8.88 17.67 -8.26
N LEU A 24 8.02 18.34 -7.51
CA LEU A 24 8.23 18.27 -6.06
C LEU A 24 8.12 16.84 -5.49
N ILE A 25 7.14 16.08 -5.98
CA ILE A 25 7.01 14.69 -5.61
C ILE A 25 8.31 13.93 -5.98
N THR A 26 8.85 14.13 -7.22
CA THR A 26 10.01 13.37 -7.66
C THR A 26 11.17 13.61 -6.73
N PHE A 27 11.36 14.88 -6.42
CA PHE A 27 12.48 15.22 -5.55
C PHE A 27 12.31 14.75 -4.12
N SER A 28 11.05 14.76 -3.64
CA SER A 28 10.79 14.34 -2.26
C SER A 28 10.92 12.82 -2.17
N GLN A 29 10.71 12.14 -3.30
CA GLN A 29 10.82 10.69 -3.33
C GLN A 29 12.30 10.19 -3.39
N TYR A 30 13.14 10.83 -4.17
CA TYR A 30 14.56 10.52 -4.24
C TYR A 30 15.32 10.95 -2.98
N LEU A 31 14.93 12.06 -2.36
CA LEU A 31 15.74 12.64 -1.31
C LEU A 31 14.90 12.97 -0.12
N GLN A 32 14.69 11.94 0.67
CA GLN A 32 13.65 11.94 1.65
C GLN A 32 14.06 12.74 2.91
N LYS A 33 15.35 12.92 3.12
CA LYS A 33 15.85 13.67 4.28
C LYS A 33 16.19 15.18 4.06
N CYS A 34 15.94 15.74 2.87
CA CYS A 34 16.29 17.16 2.61
C CYS A 34 15.22 18.13 3.11
N PRO A 35 15.60 19.33 3.60
CA PRO A 35 14.54 20.19 4.16
C PRO A 35 13.63 20.64 3.06
N TYR A 36 12.40 20.96 3.42
CA TYR A 36 11.47 21.52 2.45
C TYR A 36 12.10 22.64 1.65
N GLU A 37 12.68 23.63 2.36
CA GLU A 37 13.20 24.82 1.65
CA GLU A 37 13.33 24.83 1.75
C GLU A 37 14.18 24.43 0.54
N GLU A 38 15.06 23.45 0.80
CA GLU A 38 15.97 22.95 -0.26
C GLU A 38 15.24 22.43 -1.50
N HIS A 39 14.17 21.64 -1.27
CA HIS A 39 13.40 21.03 -2.39
C HIS A 39 12.65 22.09 -3.25
N ALA A 40 12.07 23.12 -2.60
CA ALA A 40 11.41 24.22 -3.32
C ALA A 40 12.31 24.88 -4.40
N LYS A 41 13.57 25.15 -4.01
CA LYS A 41 14.66 25.65 -4.89
C LYS A 41 14.97 24.77 -6.09
N LEU A 42 15.04 23.46 -5.84
CA LEU A 42 15.26 22.47 -6.90
C LEU A 42 14.10 22.45 -7.88
N VAL A 43 12.90 22.72 -7.35
CA VAL A 43 11.67 22.77 -8.15
C VAL A 43 11.59 24.04 -9.01
N LYS A 44 11.96 25.20 -8.44
CA LYS A 44 12.01 26.48 -9.17
C LYS A 44 12.99 26.31 -10.29
N GLU A 45 14.21 25.86 -9.93
CA GLU A 45 15.29 25.63 -10.87
C GLU A 45 14.85 24.68 -11.99
N VAL A 46 13.99 23.69 -11.68
CA VAL A 46 13.51 22.78 -12.74
C VAL A 46 12.35 23.37 -13.55
N THR A 47 11.53 24.22 -12.91
CA THR A 47 10.39 24.87 -13.55
C THR A 47 10.93 25.89 -14.56
N ASP A 48 11.79 26.78 -14.08
CA ASP A 48 12.56 27.72 -14.94
C ASP A 48 13.13 27.09 -16.21
N LEU A 49 13.75 25.89 -16.04
CA LEU A 49 14.32 25.17 -17.19
C LEU A 49 13.23 24.81 -18.25
N ALA A 50 12.09 24.28 -17.78
CA ALA A 50 10.99 23.89 -18.71
C ALA A 50 10.36 25.10 -19.48
N LYS A 51 10.26 26.26 -18.81
CA LYS A 51 9.76 27.52 -19.41
C LYS A 51 10.80 28.20 -20.33
N ALA A 52 12.06 27.76 -20.19
CA ALA A 52 13.13 28.00 -21.15
C ALA A 52 13.02 27.03 -22.35
N CYS A 53 12.91 25.72 -22.08
CA CYS A 53 12.60 24.76 -23.14
C CYS A 53 11.21 24.97 -23.76
N VAL A 54 10.40 25.84 -23.16
CA VAL A 54 9.16 26.33 -23.77
C VAL A 54 9.50 27.24 -24.98
N ALA A 55 10.50 28.13 -24.80
CA ALA A 55 11.01 29.04 -25.86
C ALA A 55 11.71 28.27 -26.99
N ASP A 56 12.97 27.85 -26.75
CA ASP A 56 13.76 27.06 -27.72
C ASP A 56 13.71 25.59 -27.43
N GLU A 57 13.46 24.80 -28.47
CA GLU A 57 13.67 23.36 -28.41
C GLU A 57 15.18 23.08 -28.28
N SER A 58 16.03 23.99 -28.74
CA SER A 58 17.49 23.77 -28.57
C SER A 58 18.09 24.74 -27.54
N ALA A 59 17.25 25.47 -26.79
CA ALA A 59 17.75 26.54 -25.88
C ALA A 59 18.63 26.10 -24.68
N ALA A 60 18.22 25.15 -23.82
CA ALA A 60 19.07 24.86 -22.63
C ALA A 60 18.83 23.48 -21.99
N ASN A 61 19.74 22.52 -22.21
CA ASN A 61 19.70 21.19 -21.53
C ASN A 61 18.43 20.46 -21.93
N CYS A 62 17.70 21.07 -22.87
CA CYS A 62 16.47 20.59 -23.44
C CYS A 62 16.74 19.33 -24.24
N ASP A 63 18.00 19.12 -24.60
CA ASP A 63 18.34 17.90 -25.36
C ASP A 63 18.32 16.66 -24.46
N LYS A 64 18.43 16.83 -23.14
CA LYS A 64 18.63 15.68 -22.23
C LYS A 64 17.41 14.93 -21.68
N SER A 65 17.57 13.63 -21.38
CA SER A 65 16.56 12.80 -20.66
C SER A 65 16.22 13.40 -19.29
N LEU A 66 14.97 13.19 -18.84
CA LEU A 66 14.53 13.72 -17.56
C LEU A 66 15.37 13.18 -16.43
N HIS A 67 15.63 11.86 -16.47
CA HIS A 67 16.48 11.12 -15.50
C HIS A 67 17.73 11.89 -15.09
N ASP A 68 18.23 12.64 -16.08
CA ASP A 68 19.52 13.29 -16.14
C ASP A 68 19.47 14.77 -15.73
N ILE A 69 18.34 15.43 -15.98
CA ILE A 69 18.07 16.79 -15.52
C ILE A 69 17.87 16.78 -13.98
N PHE A 70 17.24 15.72 -13.48
CA PHE A 70 17.14 15.49 -12.06
C PHE A 70 18.53 15.14 -11.50
N GLY A 71 19.22 14.19 -12.15
CA GLY A 71 20.59 13.86 -11.83
C GLY A 71 21.43 15.11 -11.53
N ASP A 72 21.60 15.96 -12.54
CA ASP A 72 22.44 17.19 -12.47
C ASP A 72 22.05 18.21 -11.40
N LYS A 73 20.77 18.23 -11.02
CA LYS A 73 20.30 19.21 -10.06
C LYS A 73 20.66 18.86 -8.60
N ILE A 74 20.59 17.58 -8.25
CA ILE A 74 20.94 17.08 -6.90
C ILE A 74 22.42 17.31 -6.53
N CYS A 75 23.31 16.98 -7.47
CA CYS A 75 24.77 17.00 -7.30
C CYS A 75 25.38 18.40 -7.42
N ALA A 76 24.55 19.29 -7.97
CA ALA A 76 24.87 20.72 -8.12
C ALA A 76 25.09 21.25 -6.70
N LEU A 77 24.27 20.84 -5.73
CA LEU A 77 24.64 21.35 -4.39
C LEU A 77 25.28 20.18 -3.63
N PRO A 78 26.64 20.27 -3.42
CA PRO A 78 27.37 19.23 -2.68
C PRO A 78 27.03 19.24 -1.20
N SER A 79 26.02 20.03 -0.86
CA SER A 79 25.52 20.08 0.54
C SER A 79 25.04 18.66 0.83
N LEU A 80 24.69 17.92 -0.21
CA LEU A 80 24.28 16.55 0.00
C LEU A 80 25.36 15.68 0.70
N ARG A 81 26.63 15.82 0.35
CA ARG A 81 27.62 14.79 0.77
C ARG A 81 27.51 14.48 2.27
N ASP A 82 27.17 15.47 3.08
CA ASP A 82 27.05 15.30 4.54
C ASP A 82 25.87 14.52 5.17
N THR A 83 24.65 15.07 5.12
CA THR A 83 23.42 14.42 5.65
C THR A 83 22.80 13.40 4.67
N TYR A 84 23.26 13.44 3.42
CA TYR A 84 22.75 12.58 2.36
C TYR A 84 23.96 12.11 1.52
N GLY A 85 25.04 11.78 2.25
CA GLY A 85 26.34 11.35 1.68
C GLY A 85 26.50 9.85 1.45
N ASP A 86 25.51 9.07 1.90
CA ASP A 86 25.35 7.63 1.61
C ASP A 86 25.19 7.35 0.10
N VAL A 87 24.36 8.19 -0.55
CA VAL A 87 24.02 8.12 -1.98
C VAL A 87 24.70 9.19 -2.87
N ALA A 88 25.84 9.73 -2.41
CA ALA A 88 26.75 10.55 -3.22
C ALA A 88 27.72 9.66 -4.02
N ASP A 89 27.70 8.37 -3.62
CA ASP A 89 28.28 7.23 -4.34
C ASP A 89 27.69 7.18 -5.74
N CYS A 90 26.42 7.63 -5.81
CA CYS A 90 25.63 7.67 -7.02
C CYS A 90 25.97 8.90 -7.85
N CYS A 91 26.20 10.04 -7.20
CA CYS A 91 26.53 11.30 -7.90
C CYS A 91 27.81 11.23 -8.76
N GLU A 92 28.83 10.51 -8.26
CA GLU A 92 30.09 10.30 -9.00
C GLU A 92 29.99 9.30 -10.21
N LYS A 93 28.86 8.52 -10.25
CA LYS A 93 28.49 7.60 -11.38
C LYS A 93 27.74 8.32 -12.54
N LYS A 94 27.38 7.56 -13.61
CA LYS A 94 26.69 8.10 -14.79
C LYS A 94 25.45 7.27 -15.18
N GLU A 95 24.64 7.82 -16.10
CA GLU A 95 23.43 7.16 -16.60
C GLU A 95 23.77 6.04 -17.57
N PRO A 96 22.94 4.97 -17.69
CA PRO A 96 21.61 4.81 -17.06
C PRO A 96 21.71 3.92 -15.82
N GLU A 97 22.80 4.13 -15.12
CA GLU A 97 23.27 3.27 -14.06
C GLU A 97 23.13 4.08 -12.76
N ARG A 98 23.29 5.41 -12.86
CA ARG A 98 23.20 6.36 -11.75
C ARG A 98 21.82 6.43 -11.19
N ASN A 99 20.84 6.68 -12.08
CA ASN A 99 19.45 6.83 -11.67
C ASN A 99 18.93 5.60 -10.97
N GLU A 100 19.62 4.48 -11.18
CA GLU A 100 19.28 3.25 -10.50
C GLU A 100 19.76 3.23 -9.05
N CYS A 101 20.89 3.89 -8.83
CA CYS A 101 21.48 4.01 -7.51
C CYS A 101 20.55 4.84 -6.62
N PHE A 102 20.16 6.01 -7.12
CA PHE A 102 19.13 6.85 -6.55
C PHE A 102 17.85 6.11 -6.16
N LEU A 103 17.32 5.30 -7.07
CA LEU A 103 16.04 4.62 -6.82
C LEU A 103 16.13 3.53 -5.75
N HIS A 104 17.33 2.94 -5.63
CA HIS A 104 17.57 1.79 -4.77
C HIS A 104 17.62 2.17 -3.28
N HIS A 105 17.93 3.43 -3.04
CA HIS A 105 18.03 3.98 -1.67
C HIS A 105 16.70 4.53 -1.12
N LYS A 106 15.60 4.50 -1.89
CA LYS A 106 14.27 4.89 -1.36
C LYS A 106 14.04 4.10 -0.10
N ASP A 107 13.73 4.78 0.96
CA ASP A 107 13.63 4.18 2.27
C ASP A 107 12.14 4.00 2.54
N ASP A 108 11.72 2.76 2.64
CA ASP A 108 10.30 2.48 2.98
C ASP A 108 9.93 2.86 4.38
N LYS A 109 10.91 3.09 5.24
CA LYS A 109 10.63 3.56 6.62
C LYS A 109 11.69 4.57 7.09
N PRO A 110 11.70 5.77 6.47
CA PRO A 110 12.70 6.83 6.86
C PRO A 110 12.70 7.14 8.39
N ASP A 111 13.86 7.47 8.97
CA ASP A 111 13.91 7.91 10.35
C ASP A 111 13.35 9.35 10.49
N LEU A 112 12.02 9.43 10.62
CA LEU A 112 11.29 10.71 10.68
C LEU A 112 10.28 10.69 11.81
N PRO A 113 10.18 11.80 12.56
CA PRO A 113 9.04 11.93 13.52
C PRO A 113 7.73 11.85 12.75
N PRO A 114 6.63 11.46 13.43
CA PRO A 114 5.31 11.48 12.79
C PRO A 114 4.96 12.87 12.22
N PHE A 115 4.30 12.91 11.07
CA PHE A 115 3.60 14.08 10.57
C PHE A 115 2.57 14.35 11.66
N ALA A 116 2.70 15.48 12.31
CA ALA A 116 1.79 15.83 13.38
C ALA A 116 0.84 16.85 12.80
N ARG A 117 -0.42 16.81 13.20
CA ARG A 117 -1.35 17.75 12.68
C ARG A 117 -1.58 18.89 13.73
N PRO A 118 -1.43 20.15 13.33
CA PRO A 118 -1.60 21.26 14.31
C PRO A 118 -3.07 21.46 14.64
N GLU A 119 -3.35 22.14 15.75
CA GLU A 119 -4.69 22.55 16.13
C GLU A 119 -5.35 23.21 14.98
N ALA A 120 -6.66 23.18 15.00
CA ALA A 120 -7.42 23.66 13.88
C ALA A 120 -7.13 25.14 13.59
N ASP A 121 -7.09 25.95 14.65
CA ASP A 121 -6.90 27.40 14.47
C ASP A 121 -5.65 27.70 13.64
N VAL A 122 -4.61 26.95 13.95
CA VAL A 122 -3.24 27.08 13.46
C VAL A 122 -3.05 26.55 12.06
N LEU A 123 -3.67 25.38 11.80
CA LEU A 123 -3.69 24.81 10.48
C LEU A 123 -4.43 25.71 9.44
N CYS A 124 -5.63 26.21 9.79
CA CYS A 124 -6.38 27.18 8.94
C CYS A 124 -5.63 28.48 8.74
N LYS A 125 -5.08 29.04 9.80
CA LYS A 125 -4.12 30.15 9.65
C LYS A 125 -2.97 29.91 8.63
N ALA A 126 -2.17 28.84 8.81
CA ALA A 126 -1.15 28.50 7.79
C ALA A 126 -1.74 28.41 6.39
N PHE A 127 -2.89 27.77 6.20
CA PHE A 127 -3.50 27.65 4.89
C PHE A 127 -3.98 29.02 4.33
N HIS A 128 -4.52 29.85 5.22
CA HIS A 128 -4.96 31.23 4.88
C HIS A 128 -3.75 32.09 4.42
N ASP A 129 -2.67 32.09 5.18
CA ASP A 129 -1.49 32.91 4.89
C ASP A 129 -0.79 32.56 3.61
N ASP A 130 -0.61 31.29 3.32
CA ASP A 130 0.03 30.90 2.08
C ASP A 130 -0.29 29.45 1.69
N GLU A 131 -1.19 29.40 0.71
CA GLU A 131 -1.87 28.23 0.27
C GLU A 131 -0.94 27.40 -0.57
N LYS A 132 -0.24 28.07 -1.49
CA LYS A 132 0.72 27.42 -2.32
C LYS A 132 1.81 26.72 -1.42
N ALA A 133 2.46 27.47 -0.52
CA ALA A 133 3.36 26.88 0.54
C ALA A 133 2.75 25.74 1.36
N PHE A 134 1.52 25.92 1.73
CA PHE A 134 0.79 24.91 2.47
C PHE A 134 0.78 23.51 1.78
N PHE A 135 0.34 23.49 0.52
CA PHE A 135 0.27 22.22 -0.20
C PHE A 135 1.59 21.78 -0.76
N GLY A 136 2.60 22.65 -0.78
CA GLY A 136 3.95 22.17 -1.12
C GLY A 136 4.43 21.32 0.03
N HIS A 137 4.28 21.88 1.23
CA HIS A 137 4.52 21.16 2.50
C HIS A 137 3.83 19.81 2.56
N TYR A 138 2.53 19.80 2.33
CA TYR A 138 1.79 18.55 2.35
C TYR A 138 2.39 17.49 1.33
N LEU A 139 2.55 17.86 0.06
CA LEU A 139 3.06 16.88 -0.94
C LEU A 139 4.40 16.35 -0.54
N TYR A 140 5.19 17.26 0.04
CA TYR A 140 6.53 16.95 0.45
C TYR A 140 6.55 16.06 1.71
N GLU A 141 5.70 16.36 2.69
CA GLU A 141 5.67 15.49 3.87
C GLU A 141 5.10 14.08 3.52
N VAL A 142 4.06 13.96 2.69
CA VAL A 142 3.54 12.63 2.32
C VAL A 142 4.53 11.93 1.44
N ALA A 143 5.13 12.59 0.47
CA ALA A 143 5.88 11.78 -0.53
C ALA A 143 7.16 11.26 0.04
N ARG A 144 7.80 12.03 0.94
CA ARG A 144 9.07 11.63 1.60
C ARG A 144 8.85 10.41 2.51
N ARG A 145 7.74 10.40 3.26
CA ARG A 145 7.34 9.25 4.05
C ARG A 145 6.84 8.05 3.23
N HIS A 146 6.27 8.29 2.06
CA HIS A 146 5.83 7.16 1.21
C HIS A 146 6.44 7.31 -0.18
N PRO A 147 7.68 6.84 -0.33
CA PRO A 147 8.46 7.18 -1.53
C PRO A 147 7.91 6.55 -2.81
N TYR A 148 6.83 5.74 -2.73
CA TYR A 148 6.28 5.08 -3.95
C TYR A 148 4.81 5.50 -4.16
N PHE A 149 4.33 6.46 -3.41
CA PHE A 149 2.91 6.81 -3.47
C PHE A 149 2.66 7.14 -4.95
N TYR A 150 1.52 6.65 -5.47
CA TYR A 150 1.07 6.89 -6.82
C TYR A 150 0.90 8.40 -7.00
N ALA A 151 1.85 9.00 -7.70
CA ALA A 151 2.05 10.44 -7.75
C ALA A 151 0.81 11.23 -8.17
N PRO A 152 0.17 10.85 -9.29
CA PRO A 152 -1.04 11.63 -9.59
C PRO A 152 -2.18 11.42 -8.62
N GLU A 153 -2.27 10.27 -7.91
CA GLU A 153 -3.29 10.18 -6.79
C GLU A 153 -2.95 11.09 -5.64
N LEU A 154 -1.65 11.33 -5.46
CA LEU A 154 -1.22 12.30 -4.46
C LEU A 154 -1.73 13.73 -4.73
N LEU A 155 -1.54 14.19 -5.96
CA LEU A 155 -2.18 15.45 -6.49
C LEU A 155 -3.67 15.43 -6.15
N TYR A 156 -4.35 14.31 -6.41
CA TYR A 156 -5.80 14.25 -6.16
C TYR A 156 -6.08 14.54 -4.67
N TYR A 157 -5.32 13.92 -3.77
CA TYR A 157 -5.52 14.03 -2.30
C TYR A 157 -5.22 15.44 -1.79
N ALA A 158 -4.18 16.08 -2.36
CA ALA A 158 -3.93 17.54 -2.10
C ALA A 158 -5.15 18.36 -2.42
N GLN A 159 -5.75 18.06 -3.53
CA GLN A 159 -6.90 18.75 -3.91
C GLN A 159 -8.12 18.49 -2.97
N LYS A 160 -8.31 17.25 -2.52
CA LYS A 160 -9.37 16.94 -1.53
C LYS A 160 -9.12 17.64 -0.19
N TYR A 161 -7.81 17.70 0.18
CA TYR A 161 -7.39 18.34 1.35
C TYR A 161 -7.74 19.84 1.34
N LYS A 162 -7.53 20.51 0.21
CA LYS A 162 -7.84 21.90 0.10
C LYS A 162 -9.37 22.06 0.16
N ALA A 163 -10.11 21.19 -0.46
CA ALA A 163 -11.60 21.29 -0.38
C ALA A 163 -12.12 21.20 1.06
N ILE A 164 -11.57 20.29 1.89
CA ILE A 164 -11.81 20.25 3.36
C ILE A 164 -11.44 21.56 4.12
N LEU A 165 -10.30 22.16 3.82
CA LEU A 165 -9.95 23.45 4.47
C LEU A 165 -10.85 24.64 4.01
N THR A 166 -11.20 24.66 2.76
CA THR A 166 -12.18 25.60 2.31
C THR A 166 -13.48 25.47 3.08
N GLU A 167 -14.12 24.29 3.04
CA GLU A 167 -15.33 24.05 3.80
C GLU A 167 -15.19 24.38 5.32
N CYS A 168 -14.10 23.95 5.98
CA CYS A 168 -14.07 23.98 7.46
C CYS A 168 -13.44 25.21 8.15
N CYS A 169 -12.49 25.86 7.51
CA CYS A 169 -11.70 26.95 8.17
C CYS A 169 -12.45 28.20 8.60
N GLU A 170 -13.60 28.49 7.96
CA GLU A 170 -14.46 29.65 8.38
C GLU A 170 -15.51 29.28 9.46
N ALA A 171 -15.53 28.00 9.85
CA ALA A 171 -16.62 27.43 10.62
C ALA A 171 -16.69 27.90 12.06
N ALA A 172 -17.81 27.50 12.67
CA ALA A 172 -18.11 27.84 14.05
C ALA A 172 -17.03 27.21 14.94
N ASP A 173 -17.12 25.89 15.06
CA ASP A 173 -16.09 25.05 15.64
C ASP A 173 -15.24 24.42 14.50
N LYS A 174 -14.09 25.01 14.17
CA LYS A 174 -13.24 24.50 13.08
C LYS A 174 -12.78 23.01 13.23
N GLY A 175 -12.34 22.65 14.44
CA GLY A 175 -11.98 21.32 14.86
C GLY A 175 -13.01 20.26 14.52
N ALA A 176 -14.22 20.43 15.04
CA ALA A 176 -15.29 19.45 14.90
C ALA A 176 -15.60 19.23 13.40
N CYS A 177 -15.35 20.26 12.59
CA CYS A 177 -15.54 20.17 11.15
C CYS A 177 -14.35 19.45 10.47
N LEU A 178 -13.11 19.91 10.72
CA LEU A 178 -11.89 19.29 10.19
C LEU A 178 -11.55 17.85 10.63
N THR A 179 -11.55 17.58 11.92
CA THR A 179 -11.02 16.35 12.43
C THR A 179 -11.61 15.08 11.78
N PRO A 180 -12.96 14.88 11.86
CA PRO A 180 -13.48 13.67 11.22
C PRO A 180 -13.09 13.60 9.71
N LYS A 181 -13.02 14.76 9.02
CA LYS A 181 -12.77 14.76 7.59
C LYS A 181 -11.32 14.48 7.24
N LEU A 182 -10.40 15.08 7.99
CA LEU A 182 -8.96 14.76 7.82
C LEU A 182 -8.66 13.32 8.15
N ASP A 183 -9.22 12.83 9.26
CA ASP A 183 -8.94 11.49 9.70
C ASP A 183 -9.43 10.57 8.61
N ALA A 184 -10.55 10.90 7.99
CA ALA A 184 -11.07 9.98 6.95
C ALA A 184 -10.18 10.03 5.67
N LEU A 185 -9.72 11.23 5.36
CA LEU A 185 -8.84 11.45 4.23
C LEU A 185 -7.49 10.72 4.41
N LYS A 186 -6.84 10.95 5.55
CA LYS A 186 -5.68 10.19 5.96
C LYS A 186 -5.85 8.68 5.74
N GLU A 187 -6.97 8.09 6.17
CA GLU A 187 -7.12 6.61 5.99
C GLU A 187 -7.18 6.20 4.53
N LYS A 188 -7.88 6.95 3.70
CA LYS A 188 -7.89 6.74 2.25
C LYS A 188 -6.50 6.81 1.66
N ALA A 189 -5.75 7.83 2.03
CA ALA A 189 -4.37 7.97 1.53
C ALA A 189 -3.43 6.83 1.96
N LEU A 190 -3.55 6.35 3.22
CA LEU A 190 -2.77 5.14 3.67
C LEU A 190 -3.09 3.91 2.84
N ILE A 191 -4.38 3.63 2.63
CA ILE A 191 -4.76 2.48 1.82
C ILE A 191 -4.17 2.72 0.39
N SER A 192 -4.31 3.93 -0.16
CA SER A 192 -3.78 4.18 -1.45
C SER A 192 -2.27 3.92 -1.46
N ALA A 193 -1.57 4.38 -0.43
CA ALA A 193 -0.11 4.16 -0.40
C ALA A 193 0.17 2.67 -0.36
N ALA A 194 -0.54 1.92 0.50
CA ALA A 194 -0.32 0.47 0.59
C ALA A 194 -0.67 -0.25 -0.71
N GLN A 195 -1.71 0.19 -1.45
CA GLN A 195 -2.04 -0.53 -2.73
C GLN A 195 -0.93 -0.33 -3.79
N GLU A 196 -0.53 0.94 -3.92
CA GLU A 196 0.57 1.24 -4.86
C GLU A 196 1.90 0.54 -4.50
N ARG A 197 2.20 0.45 -3.21
CA ARG A 197 3.47 -0.22 -2.83
C ARG A 197 3.42 -1.67 -3.31
N LEU A 198 2.21 -2.22 -3.41
CA LEU A 198 2.02 -3.63 -3.79
C LEU A 198 2.22 -3.79 -5.28
N ARG A 199 1.70 -2.84 -6.04
CA ARG A 199 1.92 -2.85 -7.48
C ARG A 199 3.43 -2.74 -7.80
N CYS A 200 4.10 -1.82 -7.12
CA CYS A 200 5.49 -1.58 -7.35
C CYS A 200 6.34 -2.81 -6.99
N ALA A 201 6.00 -3.48 -5.86
CA ALA A 201 6.73 -4.65 -5.41
C ALA A 201 6.43 -5.77 -6.38
N SER A 202 5.22 -5.87 -6.95
CA SER A 202 4.93 -6.98 -7.88
C SER A 202 5.76 -6.78 -9.14
N ILE A 203 5.74 -5.56 -9.66
CA ILE A 203 6.52 -5.22 -10.82
C ILE A 203 8.02 -5.52 -10.57
N GLN A 204 8.60 -4.97 -9.50
CA GLN A 204 10.05 -4.87 -9.34
C GLN A 204 10.63 -6.14 -8.82
N LYS A 205 9.85 -6.90 -8.07
CA LYS A 205 10.31 -8.13 -7.48
C LYS A 205 9.82 -9.37 -8.22
N PHE A 206 8.69 -9.32 -8.89
CA PHE A 206 8.24 -10.55 -9.56
C PHE A 206 8.01 -10.37 -11.05
N GLY A 207 8.23 -9.15 -11.60
CA GLY A 207 8.18 -8.85 -13.03
C GLY A 207 6.87 -8.24 -13.54
N ASP A 208 6.96 -7.55 -14.69
CA ASP A 208 5.85 -6.87 -15.30
C ASP A 208 4.58 -7.76 -15.34
N ARG A 209 4.82 -9.02 -15.73
CA ARG A 209 3.78 -10.04 -15.99
C ARG A 209 2.92 -10.29 -14.75
N ALA A 210 3.55 -10.16 -13.59
CA ALA A 210 2.87 -10.47 -12.35
C ALA A 210 1.85 -9.36 -12.03
N TYR A 211 2.11 -8.11 -12.45
CA TYR A 211 1.17 -7.02 -12.23
C TYR A 211 0.12 -7.13 -13.37
N LYS A 212 0.58 -7.34 -14.60
CA LYS A 212 -0.33 -7.57 -15.74
C LYS A 212 -1.49 -8.57 -15.48
N ALA A 213 -1.12 -9.77 -15.02
CA ALA A 213 -2.09 -10.75 -14.59
C ALA A 213 -3.03 -10.20 -13.52
N TRP A 214 -2.48 -9.52 -12.52
CA TRP A 214 -3.28 -8.98 -11.41
C TRP A 214 -4.26 -8.00 -11.99
N ALA A 215 -3.81 -7.13 -12.90
CA ALA A 215 -4.63 -6.05 -13.32
C ALA A 215 -5.69 -6.61 -14.31
N LEU A 216 -5.32 -7.66 -15.07
CA LEU A 216 -6.25 -8.39 -15.90
C LEU A 216 -7.45 -8.94 -15.16
N VAL A 217 -7.19 -9.72 -14.09
CA VAL A 217 -8.24 -10.18 -13.18
C VAL A 217 -9.12 -9.00 -12.69
N ARG A 218 -8.50 -8.03 -12.02
CA ARG A 218 -9.27 -6.95 -11.36
C ARG A 218 -10.11 -6.18 -12.38
N LEU A 219 -9.55 -5.87 -13.55
CA LEU A 219 -10.32 -5.14 -14.59
C LEU A 219 -11.39 -6.00 -15.25
N SER A 220 -11.20 -7.34 -15.25
CA SER A 220 -12.22 -8.30 -15.81
C SER A 220 -13.44 -8.38 -14.89
N GLN A 221 -13.18 -8.28 -13.58
CA GLN A 221 -14.25 -8.22 -12.63
C GLN A 221 -14.95 -6.88 -12.75
N ARG A 222 -14.19 -5.79 -12.83
CA ARG A 222 -14.75 -4.40 -12.86
C ARG A 222 -15.56 -4.11 -14.13
N PHE A 223 -15.02 -4.47 -15.29
CA PHE A 223 -15.62 -4.26 -16.55
C PHE A 223 -16.00 -5.58 -17.25
N PRO A 224 -16.94 -6.43 -16.65
CA PRO A 224 -17.29 -7.80 -17.21
C PRO A 224 -17.83 -7.88 -18.67
N LYS A 225 -18.35 -6.76 -19.17
CA LYS A 225 -18.94 -6.69 -20.49
C LYS A 225 -17.90 -6.35 -21.54
N ALA A 226 -16.74 -5.80 -21.15
CA ALA A 226 -15.77 -5.32 -22.15
C ALA A 226 -15.09 -6.52 -22.74
N ASP A 227 -14.62 -6.39 -23.97
CA ASP A 227 -14.07 -7.57 -24.62
C ASP A 227 -12.59 -7.68 -24.31
N PHE A 228 -12.12 -8.91 -24.34
CA PHE A 228 -10.71 -9.25 -24.11
C PHE A 228 -9.71 -8.31 -24.75
N THR A 229 -9.91 -7.92 -26.01
CA THR A 229 -8.91 -7.06 -26.67
C THR A 229 -8.85 -5.68 -26.03
N ASP A 230 -10.01 -5.20 -25.54
CA ASP A 230 -10.07 -3.91 -24.86
C ASP A 230 -9.44 -3.94 -23.46
N ILE A 231 -9.86 -4.89 -22.63
CA ILE A 231 -9.27 -5.13 -21.36
C ILE A 231 -7.73 -5.23 -21.48
N SER A 232 -7.23 -6.17 -22.30
CA SER A 232 -5.81 -6.30 -22.68
C SER A 232 -5.09 -5.01 -23.00
N LYS A 233 -5.69 -4.17 -23.84
CA LYS A 233 -5.16 -2.85 -24.15
C LYS A 233 -5.11 -2.03 -22.87
N ILE A 234 -6.19 -2.05 -22.08
CA ILE A 234 -6.19 -1.28 -20.80
C ILE A 234 -5.07 -1.78 -19.82
N VAL A 235 -5.02 -3.11 -19.58
CA VAL A 235 -3.95 -3.76 -18.85
C VAL A 235 -2.50 -3.34 -19.35
N THR A 236 -2.26 -3.30 -20.68
CA THR A 236 -0.94 -2.93 -21.24
C THR A 236 -0.57 -1.49 -20.89
N ASP A 237 -1.50 -0.55 -21.07
CA ASP A 237 -1.23 0.87 -20.83
C ASP A 237 -1.03 1.21 -19.34
N LEU A 238 -1.68 0.44 -18.46
CA LEU A 238 -1.75 0.71 -17.02
C LEU A 238 -0.47 0.13 -16.38
N THR A 239 0.03 -0.93 -17.01
CA THR A 239 1.34 -1.46 -16.75
C THR A 239 2.49 -0.45 -17.00
N LYS A 240 2.46 0.19 -18.14
CA LYS A 240 3.45 1.20 -18.47
C LYS A 240 3.29 2.30 -17.44
N VAL A 241 2.02 2.70 -17.19
CA VAL A 241 1.78 3.78 -16.23
C VAL A 241 2.51 3.47 -14.89
N HIS A 242 2.27 2.30 -14.29
CA HIS A 242 2.78 2.02 -12.94
C HIS A 242 4.26 1.62 -12.93
N LYS A 243 4.74 1.01 -14.01
CA LYS A 243 6.20 0.77 -14.22
C LYS A 243 7.00 2.07 -14.07
N GLU A 244 6.44 3.14 -14.63
CA GLU A 244 6.99 4.45 -14.64
C GLU A 244 6.93 5.19 -13.35
N CYS A 245 5.72 5.30 -12.82
CA CYS A 245 5.53 5.88 -11.54
C CYS A 245 6.40 5.16 -10.53
N CYS A 246 6.39 3.82 -10.58
CA CYS A 246 7.17 2.97 -9.64
C CYS A 246 8.70 3.17 -9.82
N HIS A 247 9.09 3.74 -10.94
CA HIS A 247 10.46 3.92 -11.24
C HIS A 247 10.88 5.38 -11.09
N GLY A 248 10.00 6.24 -10.59
CA GLY A 248 10.33 7.64 -10.43
C GLY A 248 10.16 8.55 -11.66
N ASP A 249 9.59 8.03 -12.73
CA ASP A 249 9.27 8.79 -13.92
C ASP A 249 7.83 9.36 -13.85
N LEU A 250 7.65 10.36 -13.01
CA LEU A 250 6.30 10.78 -12.59
C LEU A 250 5.64 11.69 -13.62
N LEU A 251 6.43 12.58 -14.22
CA LEU A 251 5.87 13.32 -15.35
C LEU A 251 5.28 12.35 -16.40
N GLU A 252 6.02 11.30 -16.79
CA GLU A 252 5.57 10.35 -17.85
C GLU A 252 4.31 9.56 -17.44
N CYS A 253 4.35 8.97 -16.25
CA CYS A 253 3.25 8.31 -15.55
C CYS A 253 1.94 9.17 -15.60
N ALA A 254 2.02 10.45 -15.19
CA ALA A 254 0.87 11.39 -15.09
C ALA A 254 0.26 11.61 -16.45
N ASP A 255 1.13 11.95 -17.41
CA ASP A 255 0.75 12.08 -18.81
C ASP A 255 0.13 10.80 -19.39
N ASP A 256 0.72 9.65 -19.10
CA ASP A 256 0.26 8.41 -19.70
C ASP A 256 -1.02 7.96 -19.09
N ARG A 257 -1.16 8.28 -17.83
CA ARG A 257 -2.35 7.90 -17.10
C ARG A 257 -3.46 8.76 -17.61
N ALA A 258 -3.17 10.02 -17.93
CA ALA A 258 -4.19 10.90 -18.58
C ALA A 258 -4.67 10.33 -19.92
N ASP A 259 -3.77 9.99 -20.86
CA ASP A 259 -4.25 9.38 -22.11
C ASP A 259 -5.14 8.17 -21.92
N LEU A 260 -4.75 7.29 -20.98
CA LEU A 260 -5.57 6.11 -20.65
C LEU A 260 -6.95 6.48 -20.09
N ALA A 261 -7.03 7.47 -19.18
CA ALA A 261 -8.38 7.92 -18.75
C ALA A 261 -9.20 8.38 -20.00
N LYS A 262 -8.59 9.27 -20.83
CA LYS A 262 -9.21 9.77 -22.09
C LYS A 262 -9.67 8.60 -22.95
N TYR A 263 -8.82 7.60 -23.18
CA TYR A 263 -9.17 6.51 -24.12
C TYR A 263 -10.41 5.71 -23.67
N MET A 264 -10.48 5.49 -22.37
CA MET A 264 -11.58 4.77 -21.75
C MET A 264 -12.91 5.53 -21.76
N CYS A 265 -12.87 6.86 -21.73
CA CYS A 265 -14.08 7.65 -21.78
C CYS A 265 -14.60 7.68 -23.21
N GLU A 266 -13.68 7.95 -24.12
CA GLU A 266 -13.91 7.91 -25.55
C GLU A 266 -14.41 6.53 -26.06
N HIS A 267 -14.22 5.49 -25.26
CA HIS A 267 -14.68 4.15 -25.60
C HIS A 267 -15.54 3.60 -24.49
N GLN A 268 -16.18 4.48 -23.70
CA GLN A 268 -16.91 4.03 -22.49
C GLN A 268 -18.13 3.13 -22.76
N GLU A 269 -18.73 3.34 -23.95
CA GLU A 269 -19.93 2.66 -24.47
C GLU A 269 -19.80 1.15 -24.42
N THR A 270 -18.63 0.67 -24.93
CA THR A 270 -18.21 -0.72 -24.99
C THR A 270 -17.26 -1.22 -23.82
N ILE A 271 -17.30 -0.51 -22.65
CA ILE A 271 -16.55 -0.92 -21.39
C ILE A 271 -17.43 -1.14 -20.13
N SER A 272 -18.14 -0.09 -19.69
CA SER A 272 -19.09 -0.11 -18.53
C SER A 272 -20.14 1.00 -18.62
N SER A 273 -21.37 0.77 -18.13
CA SER A 273 -22.29 1.92 -18.05
C SER A 273 -21.90 2.86 -16.88
N HIS A 274 -21.04 2.37 -15.97
CA HIS A 274 -20.65 3.09 -14.77
C HIS A 274 -19.59 4.11 -15.01
N LEU A 275 -19.01 4.06 -16.20
CA LEU A 275 -18.07 5.11 -16.63
C LEU A 275 -18.65 6.54 -16.73
N LYS A 276 -19.99 6.65 -16.85
CA LYS A 276 -20.76 7.92 -16.92
C LYS A 276 -20.39 8.93 -15.83
N GLU A 277 -20.47 8.43 -14.58
CA GLU A 277 -19.99 9.04 -13.30
C GLU A 277 -18.62 9.71 -13.39
N CYS A 278 -17.69 9.12 -14.17
CA CYS A 278 -16.28 9.55 -14.21
C CYS A 278 -16.00 10.49 -15.33
N CYS A 279 -16.62 10.26 -16.50
CA CYS A 279 -16.11 10.91 -17.71
C CYS A 279 -16.45 12.45 -17.81
N ASP A 280 -17.44 12.87 -16.99
CA ASP A 280 -17.89 14.26 -16.80
CA ASP A 280 -17.83 14.27 -16.91
C ASP A 280 -16.80 15.09 -16.09
N LYS A 281 -16.07 14.42 -15.20
CA LYS A 281 -15.19 15.03 -14.16
C LYS A 281 -13.91 15.66 -14.71
N PRO A 282 -13.38 16.71 -14.02
CA PRO A 282 -11.99 17.22 -14.34
C PRO A 282 -10.90 16.14 -14.11
N ILE A 283 -9.68 16.31 -14.64
CA ILE A 283 -8.75 15.13 -14.79
C ILE A 283 -8.53 14.21 -13.56
N LEU A 284 -8.14 14.79 -12.43
CA LEU A 284 -7.76 14.02 -11.25
C LEU A 284 -8.96 13.27 -10.74
N GLU A 285 -10.04 14.01 -10.56
CA GLU A 285 -11.29 13.43 -10.11
C GLU A 285 -11.69 12.28 -11.07
N LYS A 286 -11.55 12.48 -12.37
CA LYS A 286 -11.94 11.51 -13.34
C LYS A 286 -11.10 10.21 -13.21
N ALA A 287 -9.79 10.41 -13.02
CA ALA A 287 -8.89 9.23 -13.05
C ALA A 287 -9.02 8.48 -11.73
N HIS A 288 -9.19 9.21 -10.63
CA HIS A 288 -9.58 8.62 -9.35
C HIS A 288 -10.86 7.80 -9.40
N CYS A 289 -11.88 8.36 -10.05
CA CYS A 289 -13.20 7.72 -10.15
C CYS A 289 -13.03 6.41 -10.89
N ILE A 290 -12.23 6.42 -11.97
CA ILE A 290 -12.04 5.24 -12.81
C ILE A 290 -11.33 4.20 -11.99
N TYR A 291 -10.27 4.64 -11.32
CA TYR A 291 -9.32 3.84 -10.58
C TYR A 291 -10.00 3.00 -9.45
N GLY A 292 -11.06 3.55 -8.86
CA GLY A 292 -11.91 2.79 -7.93
C GLY A 292 -13.35 2.46 -8.32
N LEU A 293 -13.71 2.47 -9.61
CA LEU A 293 -15.12 2.25 -10.02
C LEU A 293 -15.70 0.91 -9.52
N HIS A 294 -16.90 0.91 -8.99
CA HIS A 294 -17.50 -0.37 -8.61
C HIS A 294 -17.81 -1.25 -9.86
N ASN A 295 -17.89 -2.55 -9.62
CA ASN A 295 -18.03 -3.56 -10.68
C ASN A 295 -19.38 -3.41 -11.46
N ASP A 296 -19.28 -3.18 -12.77
CA ASP A 296 -20.43 -3.49 -13.67
C ASP A 296 -20.96 -4.94 -13.43
N GLU A 297 -22.19 -5.19 -13.83
CA GLU A 297 -22.86 -6.47 -13.61
C GLU A 297 -22.43 -7.47 -14.72
N THR A 298 -22.52 -8.78 -14.44
CA THR A 298 -22.12 -9.81 -15.42
C THR A 298 -23.10 -9.97 -16.60
N PRO A 299 -22.62 -9.80 -17.85
CA PRO A 299 -23.53 -10.12 -18.95
C PRO A 299 -24.17 -11.53 -18.77
N ALA A 300 -25.52 -11.58 -18.87
CA ALA A 300 -26.24 -12.87 -18.88
C ALA A 300 -26.00 -13.59 -20.24
N GLY A 301 -26.30 -14.88 -20.34
CA GLY A 301 -25.99 -15.65 -21.56
C GLY A 301 -24.50 -15.98 -21.87
N LEU A 302 -23.58 -15.79 -20.94
CA LEU A 302 -22.23 -16.32 -21.22
C LEU A 302 -22.22 -17.84 -21.22
N PRO A 303 -21.57 -18.45 -22.24
CA PRO A 303 -21.41 -19.95 -22.20
C PRO A 303 -20.73 -20.40 -20.89
N ALA A 304 -20.97 -21.63 -20.48
CA ALA A 304 -20.22 -22.25 -19.44
C ALA A 304 -18.70 -22.28 -19.82
N VAL A 305 -17.88 -21.90 -18.85
CA VAL A 305 -16.47 -21.77 -19.06
C VAL A 305 -15.84 -23.12 -19.48
N ALA A 306 -16.41 -24.25 -19.06
CA ALA A 306 -15.96 -25.60 -19.48
C ALA A 306 -15.84 -25.83 -21.00
N GLU A 307 -16.64 -25.08 -21.78
CA GLU A 307 -16.69 -25.31 -23.20
C GLU A 307 -15.35 -24.96 -23.81
N GLU A 308 -14.86 -23.76 -23.49
CA GLU A 308 -13.63 -23.23 -24.06
C GLU A 308 -12.38 -23.82 -23.41
N PHE A 309 -12.48 -24.22 -22.13
CA PHE A 309 -11.26 -24.44 -21.35
C PHE A 309 -11.12 -25.86 -20.89
N VAL A 310 -12.19 -26.66 -21.07
CA VAL A 310 -12.11 -28.13 -20.85
C VAL A 310 -12.45 -29.03 -22.11
N GLU A 311 -13.52 -28.70 -22.83
CA GLU A 311 -14.02 -29.59 -23.89
C GLU A 311 -13.51 -29.26 -25.23
N ASP A 312 -13.24 -27.97 -25.52
CA ASP A 312 -12.63 -27.59 -26.79
C ASP A 312 -11.44 -28.50 -27.09
N LYS A 313 -11.44 -29.06 -28.30
CA LYS A 313 -10.41 -30.00 -28.67
C LYS A 313 -9.05 -29.32 -28.83
N ASP A 314 -9.01 -28.00 -28.98
CA ASP A 314 -7.72 -27.34 -29.14
C ASP A 314 -7.06 -26.82 -27.79
N VAL A 315 -7.57 -27.28 -26.61
CA VAL A 315 -7.16 -26.74 -25.31
C VAL A 315 -5.64 -26.79 -25.25
N CYS A 316 -5.09 -27.98 -25.49
CA CYS A 316 -3.65 -28.20 -25.49
C CYS A 316 -2.94 -27.48 -26.57
N LYS A 317 -3.53 -27.42 -27.76
CA LYS A 317 -2.91 -26.67 -28.86
C LYS A 317 -2.84 -25.14 -28.53
N ASN A 318 -3.84 -24.65 -27.79
CA ASN A 318 -3.91 -23.22 -27.43
C ASN A 318 -2.87 -22.84 -26.42
N TYR A 319 -2.88 -23.62 -25.34
CA TYR A 319 -1.90 -23.59 -24.28
C TYR A 319 -0.44 -23.70 -24.77
N GLU A 320 -0.16 -24.57 -25.73
CA GLU A 320 1.16 -24.77 -26.34
C GLU A 320 1.58 -23.69 -27.32
N GLU A 321 0.65 -23.32 -28.21
CA GLU A 321 0.93 -22.40 -29.35
C GLU A 321 0.88 -20.96 -29.00
N ALA A 322 0.02 -20.56 -28.04
CA ALA A 322 -0.02 -19.17 -27.57
C ALA A 322 -0.39 -19.11 -26.10
N LYS A 323 0.57 -19.45 -25.24
CA LYS A 323 0.27 -19.64 -23.84
C LYS A 323 -0.32 -18.41 -23.13
N ASP A 324 0.27 -17.24 -23.33
CA ASP A 324 -0.20 -16.06 -22.64
C ASP A 324 -1.59 -15.66 -23.11
N LEU A 325 -1.83 -15.87 -24.39
CA LEU A 325 -3.08 -15.46 -24.97
C LEU A 325 -4.20 -16.31 -24.41
N PHE A 326 -3.93 -17.61 -24.41
CA PHE A 326 -4.91 -18.55 -23.99
C PHE A 326 -5.17 -18.42 -22.52
N LEU A 327 -4.11 -18.36 -21.69
CA LEU A 327 -4.30 -18.23 -20.25
C LEU A 327 -4.75 -16.82 -19.84
N GLY A 328 -4.41 -15.77 -20.60
CA GLY A 328 -5.07 -14.44 -20.37
C GLY A 328 -6.61 -14.57 -20.49
N LYS A 329 -7.01 -15.29 -21.53
CA LYS A 329 -8.42 -15.53 -21.82
C LYS A 329 -9.03 -16.29 -20.70
N PHE A 330 -8.33 -17.31 -20.21
CA PHE A 330 -8.89 -18.03 -19.08
C PHE A 330 -9.11 -17.07 -17.98
N LEU A 331 -8.12 -16.22 -17.68
CA LEU A 331 -8.28 -15.28 -16.56
C LEU A 331 -9.49 -14.25 -16.71
N TYR A 332 -9.55 -13.65 -17.88
CA TYR A 332 -10.62 -12.77 -18.28
C TYR A 332 -11.99 -13.44 -18.10
N GLU A 333 -12.18 -14.57 -18.75
CA GLU A 333 -13.41 -15.33 -18.71
C GLU A 333 -13.72 -15.75 -17.32
N TYR A 334 -12.78 -16.35 -16.62
CA TYR A 334 -13.13 -16.81 -15.30
C TYR A 334 -13.39 -15.62 -14.37
N SER A 335 -12.65 -14.51 -14.54
CA SER A 335 -12.77 -13.42 -13.52
C SER A 335 -14.06 -12.64 -13.70
N ARG A 336 -14.39 -12.30 -14.95
CA ARG A 336 -15.58 -11.42 -15.23
C ARG A 336 -16.84 -12.08 -14.68
N ARG A 337 -16.83 -13.40 -14.63
CA ARG A 337 -17.91 -14.22 -14.10
C ARG A 337 -17.81 -14.43 -12.55
N HIS A 338 -16.76 -13.94 -11.89
CA HIS A 338 -16.57 -14.15 -10.44
C HIS A 338 -16.17 -12.84 -9.70
N PRO A 339 -17.12 -11.88 -9.67
CA PRO A 339 -16.80 -10.65 -8.91
C PRO A 339 -16.69 -10.94 -7.38
N ASP A 340 -17.26 -12.07 -6.96
CA ASP A 340 -17.29 -12.55 -5.54
C ASP A 340 -15.92 -13.07 -5.06
N TYR A 341 -15.01 -13.42 -5.97
CA TYR A 341 -13.69 -13.98 -5.60
C TYR A 341 -12.66 -12.84 -5.46
N SER A 342 -11.63 -13.04 -4.63
CA SER A 342 -10.52 -12.07 -4.56
C SER A 342 -9.59 -12.27 -5.74
N VAL A 343 -8.78 -11.22 -6.00
CA VAL A 343 -7.89 -11.17 -7.12
C VAL A 343 -6.90 -12.30 -6.89
N VAL A 344 -6.28 -12.33 -5.70
CA VAL A 344 -5.32 -13.38 -5.41
C VAL A 344 -5.94 -14.77 -5.61
N LEU A 345 -7.19 -14.97 -5.19
CA LEU A 345 -7.80 -16.29 -5.43
C LEU A 345 -7.88 -16.66 -6.95
N LEU A 346 -8.40 -15.74 -7.73
CA LEU A 346 -8.59 -15.96 -9.12
C LEU A 346 -7.22 -16.31 -9.73
N LEU A 347 -6.15 -15.65 -9.23
CA LEU A 347 -4.81 -15.85 -9.82
C LEU A 347 -4.31 -17.23 -9.41
N ARG A 348 -4.69 -17.64 -8.21
CA ARG A 348 -4.40 -18.96 -7.70
C ARG A 348 -5.10 -20.00 -8.55
N LEU A 349 -6.37 -19.75 -8.94
CA LEU A 349 -7.09 -20.69 -9.89
C LEU A 349 -6.41 -20.73 -11.24
N GLY A 350 -6.00 -19.58 -11.80
CA GLY A 350 -5.14 -19.53 -13.03
C GLY A 350 -3.93 -20.40 -12.92
N LYS A 351 -3.24 -20.33 -11.78
CA LYS A 351 -2.01 -21.08 -11.60
C LYS A 351 -2.32 -22.58 -11.57
N ALA A 352 -3.46 -22.94 -10.93
CA ALA A 352 -3.90 -24.35 -10.82
C ALA A 352 -4.23 -24.92 -12.21
N TYR A 353 -4.86 -24.07 -13.01
CA TYR A 353 -5.35 -24.47 -14.29
C TYR A 353 -4.14 -24.71 -15.18
N GLU A 354 -3.24 -23.74 -15.20
CA GLU A 354 -1.99 -23.84 -15.93
C GLU A 354 -1.18 -25.07 -15.53
N ALA A 355 -1.07 -25.39 -14.25
CA ALA A 355 -0.16 -26.49 -13.82
C ALA A 355 -0.79 -27.83 -14.27
N THR A 356 -2.11 -27.87 -14.31
CA THR A 356 -2.85 -29.01 -14.74
C THR A 356 -2.60 -29.25 -16.22
N LEU A 357 -2.68 -28.18 -17.00
CA LEU A 357 -2.38 -28.25 -18.43
C LEU A 357 -0.94 -28.69 -18.71
N LYS A 358 -0.01 -28.15 -17.97
CA LYS A 358 1.39 -28.43 -18.24
C LYS A 358 1.62 -29.93 -18.08
N LYS A 359 1.11 -30.47 -16.98
CA LYS A 359 1.25 -31.85 -16.61
C LYS A 359 0.45 -32.76 -17.62
N CYS A 360 -0.80 -32.38 -17.91
CA CYS A 360 -1.76 -33.20 -18.63
C CYS A 360 -1.45 -33.23 -20.09
N CYS A 361 -1.22 -32.07 -20.72
CA CYS A 361 -0.84 -32.02 -22.13
C CYS A 361 0.48 -32.83 -22.47
N ALA A 362 1.28 -33.26 -21.47
CA ALA A 362 2.44 -34.09 -21.75
C ALA A 362 2.15 -35.60 -21.55
N THR A 363 0.89 -35.97 -21.26
CA THR A 363 0.40 -37.37 -21.34
C THR A 363 -0.23 -37.74 -22.70
N ASP A 364 -0.43 -39.04 -22.88
CA ASP A 364 -1.04 -39.62 -24.10
C ASP A 364 -2.50 -39.18 -24.21
N ASP A 365 -3.19 -38.99 -23.07
CA ASP A 365 -4.59 -38.59 -23.16
C ASP A 365 -4.89 -37.39 -22.28
N PRO A 366 -4.64 -36.15 -22.79
CA PRO A 366 -4.79 -34.91 -22.02
C PRO A 366 -6.21 -34.69 -21.47
N HIS A 367 -7.22 -34.78 -22.32
CA HIS A 367 -8.62 -34.64 -21.85
C HIS A 367 -8.99 -35.50 -20.62
N ALA A 368 -8.64 -36.79 -20.65
CA ALA A 368 -8.91 -37.70 -19.51
C ALA A 368 -8.23 -37.21 -18.20
N CYS A 369 -7.09 -36.51 -18.38
CA CYS A 369 -6.25 -36.10 -17.29
C CYS A 369 -6.80 -34.76 -16.70
N TYR A 370 -7.32 -33.86 -17.55
CA TYR A 370 -7.66 -32.49 -17.08
C TYR A 370 -9.16 -32.21 -17.00
N ALA A 371 -9.97 -33.22 -17.30
CA ALA A 371 -11.44 -33.10 -17.39
C ALA A 371 -12.08 -32.52 -16.14
N LYS A 372 -11.47 -32.81 -14.97
CA LYS A 372 -12.02 -32.33 -13.71
C LYS A 372 -11.27 -31.11 -13.16
N VAL A 373 -10.42 -30.47 -14.00
CA VAL A 373 -9.64 -29.27 -13.58
C VAL A 373 -10.51 -28.17 -12.92
N LEU A 374 -11.58 -27.71 -13.59
CA LEU A 374 -12.48 -26.68 -12.95
C LEU A 374 -13.07 -27.13 -11.60
N ASP A 375 -13.35 -28.42 -11.46
CA ASP A 375 -13.94 -29.01 -10.23
C ASP A 375 -12.92 -29.04 -9.11
N GLU A 376 -11.64 -29.06 -9.51
CA GLU A 376 -10.52 -29.10 -8.57
C GLU A 376 -10.22 -27.75 -7.91
N PHE A 377 -10.84 -26.69 -8.41
CA PHE A 377 -10.84 -25.38 -7.80
C PHE A 377 -11.54 -25.32 -6.45
N GLN A 378 -12.47 -26.22 -6.18
CA GLN A 378 -13.31 -26.11 -4.95
C GLN A 378 -12.48 -25.94 -3.63
N PRO A 379 -11.48 -26.80 -3.38
CA PRO A 379 -10.84 -26.64 -2.09
C PRO A 379 -10.03 -25.32 -1.96
N LEU A 380 -9.49 -24.82 -3.06
CA LEU A 380 -8.86 -23.51 -3.08
C LEU A 380 -9.86 -22.37 -2.85
N VAL A 381 -11.10 -22.48 -3.33
CA VAL A 381 -12.16 -21.51 -3.08
C VAL A 381 -12.59 -21.61 -1.59
N ASP A 382 -12.78 -22.80 -1.06
CA ASP A 382 -13.24 -22.91 0.34
C ASP A 382 -12.33 -22.48 1.49
N GLU A 383 -11.04 -22.73 1.41
CA GLU A 383 -10.08 -22.30 2.44
C GLU A 383 -10.22 -20.80 2.83
N PRO A 384 -10.04 -19.87 1.85
CA PRO A 384 -10.19 -18.44 2.09
C PRO A 384 -11.61 -18.05 2.55
N LYS A 385 -12.68 -18.71 2.03
CA LYS A 385 -14.08 -18.38 2.42
C LYS A 385 -14.35 -18.73 3.89
N ASN A 386 -13.86 -19.91 4.31
CA ASN A 386 -13.88 -20.36 5.72
CA ASN A 386 -13.97 -20.32 5.69
C ASN A 386 -13.13 -19.38 6.61
N LEU A 387 -11.92 -19.02 6.21
CA LEU A 387 -11.08 -18.17 7.00
C LEU A 387 -11.70 -16.77 7.26
N VAL A 388 -12.13 -16.10 6.19
CA VAL A 388 -12.93 -14.88 6.29
C VAL A 388 -14.11 -14.99 7.26
N LYS A 389 -14.71 -16.17 7.34
CA LYS A 389 -15.90 -16.29 8.15
C LYS A 389 -15.65 -16.48 9.60
N GLN A 390 -14.68 -17.37 9.92
CA GLN A 390 -14.19 -17.55 11.26
C GLN A 390 -13.61 -16.24 11.81
N ASN A 391 -12.75 -15.58 11.03
CA ASN A 391 -12.14 -14.36 11.48
C ASN A 391 -13.13 -13.18 11.56
N CYS A 392 -14.16 -13.16 10.75
CA CYS A 392 -15.17 -12.13 10.95
C CYS A 392 -16.01 -12.30 12.24
N GLU A 393 -16.33 -13.56 12.57
CA GLU A 393 -17.05 -13.88 13.82
C GLU A 393 -16.16 -13.49 15.02
N LEU A 394 -14.88 -13.88 14.99
CA LEU A 394 -13.93 -13.39 16.01
C LEU A 394 -13.86 -11.85 16.12
N TYR A 395 -13.77 -11.18 14.98
CA TYR A 395 -13.78 -9.70 14.97
C TYR A 395 -15.05 -9.17 15.68
N GLU A 396 -16.22 -9.66 15.26
CA GLU A 396 -17.48 -9.20 15.83
C GLU A 396 -17.58 -9.55 17.31
N GLN A 397 -17.09 -10.73 17.66
CA GLN A 397 -17.06 -11.08 19.06
C GLN A 397 -16.14 -10.18 19.94
N LEU A 398 -14.89 -9.95 19.56
CA LEU A 398 -13.90 -9.30 20.40
C LEU A 398 -13.93 -7.78 20.27
N GLY A 399 -14.41 -7.26 19.13
CA GLY A 399 -14.25 -5.80 18.86
C GLY A 399 -12.81 -5.42 18.45
N ASP A 400 -12.64 -4.20 17.88
CA ASP A 400 -11.36 -3.71 17.31
C ASP A 400 -10.13 -3.95 18.15
N TYR A 401 -10.09 -3.45 19.37
CA TYR A 401 -8.87 -3.46 20.19
C TYR A 401 -8.44 -4.85 20.64
N ASN A 402 -9.41 -5.63 21.09
CA ASN A 402 -9.12 -7.05 21.47
C ASN A 402 -8.88 -7.97 20.31
N PHE A 403 -9.44 -7.66 19.15
CA PHE A 403 -9.07 -8.40 17.92
C PHE A 403 -7.59 -8.06 17.50
N GLN A 404 -7.22 -6.77 17.54
CA GLN A 404 -5.83 -6.39 17.28
C GLN A 404 -4.94 -7.11 18.30
N ASN A 405 -5.33 -7.04 19.56
CA ASN A 405 -4.61 -7.80 20.57
C ASN A 405 -4.39 -9.24 20.26
N ALA A 406 -5.41 -9.93 19.77
CA ALA A 406 -5.30 -11.39 19.50
C ALA A 406 -4.43 -11.61 18.29
N LEU A 407 -4.55 -10.73 17.31
CA LEU A 407 -3.62 -10.85 16.15
C LEU A 407 -2.15 -10.51 16.45
N LEU A 408 -1.92 -9.51 17.30
CA LEU A 408 -0.62 -9.16 17.85
C LEU A 408 0.03 -10.37 18.55
N VAL A 409 -0.72 -11.01 19.46
CA VAL A 409 -0.22 -12.18 20.12
C VAL A 409 0.05 -13.28 19.08
N ARG A 410 -0.87 -13.50 18.12
CA ARG A 410 -0.71 -14.62 17.20
C ARG A 410 0.50 -14.41 16.29
N TYR A 411 0.62 -13.18 15.78
CA TYR A 411 1.71 -12.81 14.89
C TYR A 411 3.06 -12.79 15.56
N THR A 412 3.09 -12.38 16.84
CA THR A 412 4.35 -12.31 17.54
C THR A 412 4.84 -13.76 17.80
N LYS A 413 3.93 -14.67 18.17
CA LYS A 413 4.28 -16.06 18.42
C LYS A 413 4.76 -16.65 17.06
N LYS A 414 4.20 -16.16 15.94
CA LYS A 414 4.45 -16.70 14.62
C LYS A 414 5.87 -16.37 14.16
N VAL A 415 6.20 -15.09 14.23
CA VAL A 415 7.47 -14.55 13.73
C VAL A 415 8.08 -13.57 14.78
N PRO A 416 8.53 -14.13 15.90
CA PRO A 416 8.94 -13.32 17.04
C PRO A 416 10.20 -12.56 16.73
N GLN A 417 10.94 -12.97 15.69
CA GLN A 417 12.21 -12.26 15.31
C GLN A 417 11.90 -10.89 14.72
N VAL A 418 10.64 -10.66 14.26
CA VAL A 418 10.24 -9.42 13.63
C VAL A 418 10.26 -8.26 14.64
N SER A 419 10.59 -7.06 14.22
CA SER A 419 10.74 -5.97 15.17
C SER A 419 9.39 -5.53 15.74
N THR A 420 9.37 -5.11 16.99
CA THR A 420 8.13 -4.67 17.69
C THR A 420 7.32 -3.64 16.90
N PRO A 421 7.90 -2.50 16.49
CA PRO A 421 7.08 -1.52 15.76
C PRO A 421 6.39 -2.10 14.50
N THR A 422 7.06 -3.03 13.84
CA THR A 422 6.48 -3.65 12.64
C THR A 422 5.36 -4.59 13.07
N LEU A 423 5.54 -5.32 14.19
CA LEU A 423 4.51 -6.27 14.52
C LEU A 423 3.22 -5.54 14.89
N VAL A 424 3.37 -4.46 15.68
CA VAL A 424 2.28 -3.64 16.13
C VAL A 424 1.64 -2.90 14.92
N GLU A 425 2.45 -2.38 13.98
CA GLU A 425 1.86 -1.78 12.77
C GLU A 425 1.07 -2.79 11.99
N ILE A 426 1.69 -3.94 11.78
CA ILE A 426 1.04 -4.92 10.99
C ILE A 426 -0.20 -5.53 11.62
N SER A 427 -0.16 -5.83 12.90
CA SER A 427 -1.39 -6.17 13.57
C SER A 427 -2.51 -5.15 13.53
N ARG A 428 -2.14 -3.88 13.68
CA ARG A 428 -3.16 -2.78 13.68
C ARG A 428 -3.85 -2.74 12.31
N SER A 429 -3.09 -2.87 11.23
CA SER A 429 -3.67 -2.95 9.89
C SER A 429 -4.59 -4.15 9.69
N LEU A 430 -4.18 -5.34 10.11
CA LEU A 430 -5.05 -6.51 10.16
C LEU A 430 -6.38 -6.24 10.85
N GLY A 431 -6.38 -5.53 11.97
CA GLY A 431 -7.66 -5.23 12.60
C GLY A 431 -8.53 -4.22 11.90
N LYS A 432 -7.91 -3.30 11.13
CA LYS A 432 -8.67 -2.43 10.23
C LYS A 432 -9.50 -3.24 9.21
N VAL A 433 -9.10 -4.47 8.88
CA VAL A 433 -9.79 -5.24 7.84
C VAL A 433 -11.11 -5.71 8.34
N GLY A 434 -11.15 -6.12 9.61
CA GLY A 434 -12.40 -6.44 10.31
C GLY A 434 -13.41 -5.32 10.17
N SER A 435 -12.96 -4.13 10.53
CA SER A 435 -13.77 -2.96 10.52
C SER A 435 -14.20 -2.59 9.14
N LYS A 436 -13.31 -2.66 8.15
CA LYS A 436 -13.66 -2.32 6.74
C LYS A 436 -14.69 -3.28 6.16
N CYS A 437 -14.57 -4.57 6.47
CA CYS A 437 -15.13 -5.60 5.64
C CYS A 437 -16.22 -6.48 6.22
N CYS A 438 -16.31 -6.65 7.54
CA CYS A 438 -17.14 -7.71 8.12
C CYS A 438 -18.60 -7.30 8.14
N LYS A 439 -18.89 -6.02 7.90
CA LYS A 439 -20.28 -5.56 7.75
C LYS A 439 -20.87 -5.77 6.33
N HIS A 440 -20.09 -6.31 5.38
CA HIS A 440 -20.72 -6.59 4.09
C HIS A 440 -21.39 -7.99 4.17
N PRO A 441 -22.40 -8.24 3.31
CA PRO A 441 -22.94 -9.62 3.32
C PRO A 441 -21.86 -10.66 2.90
N GLU A 442 -22.00 -11.90 3.37
CA GLU A 442 -21.11 -13.00 3.04
C GLU A 442 -20.42 -12.96 1.61
N ALA A 443 -21.16 -12.73 0.53
CA ALA A 443 -20.58 -12.77 -0.84
C ALA A 443 -19.54 -11.69 -1.12
N GLU A 444 -19.65 -10.54 -0.48
CA GLU A 444 -18.79 -9.37 -0.73
C GLU A 444 -17.50 -9.39 0.13
N ARG A 445 -17.56 -10.13 1.22
CA ARG A 445 -16.49 -10.25 2.14
C ARG A 445 -15.15 -10.74 1.59
N LEU A 446 -15.11 -11.79 0.76
CA LEU A 446 -13.80 -12.39 0.41
C LEU A 446 -12.90 -11.48 -0.37
N PRO A 447 -13.41 -10.89 -1.46
CA PRO A 447 -12.55 -9.92 -2.19
C PRO A 447 -12.12 -8.74 -1.32
N CYS A 448 -13.02 -8.27 -0.44
CA CYS A 448 -12.69 -7.19 0.48
C CYS A 448 -11.55 -7.62 1.41
N VAL A 449 -11.74 -8.69 2.16
CA VAL A 449 -10.71 -9.13 3.09
C VAL A 449 -9.42 -9.49 2.35
N GLU A 450 -9.47 -10.44 1.41
CA GLU A 450 -8.21 -11.02 0.91
C GLU A 450 -7.29 -10.04 0.16
N ASP A 451 -7.92 -9.15 -0.60
CA ASP A 451 -7.19 -8.09 -1.33
C ASP A 451 -6.56 -7.11 -0.34
N TYR A 452 -7.15 -6.92 0.86
CA TYR A 452 -6.56 -5.93 1.77
C TYR A 452 -5.40 -6.62 2.55
N LEU A 453 -5.59 -7.86 2.92
CA LEU A 453 -4.49 -8.70 3.39
C LEU A 453 -3.24 -8.67 2.52
N SER A 454 -3.41 -8.75 1.22
CA SER A 454 -2.25 -8.67 0.26
C SER A 454 -1.45 -7.43 0.54
N VAL A 455 -2.19 -6.35 0.66
CA VAL A 455 -1.59 -5.05 0.78
C VAL A 455 -0.82 -4.88 2.08
N VAL A 456 -1.36 -5.49 3.13
CA VAL A 456 -0.77 -5.47 4.43
C VAL A 456 0.41 -6.45 4.52
N LEU A 457 0.31 -7.64 3.95
CA LEU A 457 1.43 -8.58 3.95
C LEU A 457 2.54 -7.98 3.12
N ASN A 458 2.21 -7.33 2.00
CA ASN A 458 3.24 -6.70 1.24
C ASN A 458 3.96 -5.67 2.13
N ARG A 459 3.25 -5.05 3.08
CA ARG A 459 3.88 -3.98 3.80
C ARG A 459 4.87 -4.60 4.75
N LEU A 460 4.53 -5.75 5.35
CA LEU A 460 5.48 -6.48 6.19
C LEU A 460 6.74 -6.98 5.35
N CYS A 461 6.47 -7.44 4.13
CA CYS A 461 7.50 -7.92 3.28
C CYS A 461 8.39 -6.80 2.86
N VAL A 462 7.88 -5.60 2.55
CA VAL A 462 8.90 -4.56 2.18
C VAL A 462 9.78 -4.07 3.35
N LEU A 463 9.19 -4.00 4.52
CA LEU A 463 9.93 -3.61 5.71
C LEU A 463 10.96 -4.64 6.04
N HIS A 464 10.59 -5.89 5.94
CA HIS A 464 11.45 -6.93 6.30
C HIS A 464 12.60 -7.13 5.31
N GLU A 465 12.41 -6.82 4.04
CA GLU A 465 13.45 -6.90 3.05
C GLU A 465 14.67 -5.98 3.34
N LYS A 466 14.39 -4.83 3.93
CA LYS A 466 15.34 -3.80 4.31
C LYS A 466 16.32 -4.36 5.34
N THR A 467 15.75 -4.98 6.39
CA THR A 467 16.49 -5.60 7.51
C THR A 467 16.02 -7.06 7.84
N PRO A 468 16.39 -8.09 7.03
CA PRO A 468 15.83 -9.41 7.35
C PRO A 468 16.32 -10.00 8.64
N VAL A 469 15.38 -10.61 9.36
CA VAL A 469 15.60 -11.21 10.68
C VAL A 469 14.86 -12.56 10.85
N SER A 470 13.89 -12.85 10.00
CA SER A 470 13.09 -14.05 10.13
C SER A 470 13.14 -14.83 8.82
N GLU A 471 13.69 -16.03 8.85
CA GLU A 471 13.73 -16.88 7.65
C GLU A 471 12.27 -17.14 7.05
N LYS A 472 11.27 -17.18 7.94
CA LYS A 472 9.90 -17.58 7.63
C LYS A 472 9.25 -16.46 6.87
N VAL A 473 9.47 -15.22 7.27
CA VAL A 473 8.97 -14.10 6.50
C VAL A 473 9.54 -14.12 5.09
N THR A 474 10.85 -14.22 5.01
CA THR A 474 11.61 -14.13 3.76
C THR A 474 11.04 -15.17 2.81
N LYS A 475 10.85 -16.37 3.29
CA LYS A 475 10.29 -17.41 2.50
C LYS A 475 8.86 -17.07 2.04
N CYS A 476 7.96 -16.66 2.95
CA CYS A 476 6.62 -16.29 2.51
C CYS A 476 6.69 -15.17 1.52
N CYS A 477 7.54 -14.20 1.79
CA CYS A 477 7.65 -12.99 0.95
C CYS A 477 8.27 -13.21 -0.40
N SER A 478 9.16 -14.21 -0.56
CA SER A 478 9.77 -14.38 -1.89
C SER A 478 9.30 -15.54 -2.77
N GLU A 479 8.60 -16.50 -2.21
CA GLU A 479 7.97 -17.48 -3.09
C GLU A 479 6.80 -16.79 -3.74
N SER A 480 5.91 -17.55 -4.35
CA SER A 480 4.85 -16.91 -5.17
C SER A 480 4.09 -15.82 -4.40
N LEU A 481 4.00 -14.66 -5.04
CA LEU A 481 3.27 -13.46 -4.61
C LEU A 481 1.84 -13.71 -4.25
N VAL A 482 1.28 -14.64 -4.95
CA VAL A 482 -0.13 -14.89 -4.90
C VAL A 482 -0.43 -15.91 -3.79
N ASP A 483 0.59 -16.59 -3.28
CA ASP A 483 0.44 -17.51 -2.17
C ASP A 483 0.78 -16.93 -0.82
N ARG A 484 1.09 -15.64 -0.77
CA ARG A 484 1.59 -15.01 0.48
C ARG A 484 0.58 -15.15 1.62
N ARG A 485 -0.71 -14.95 1.34
CA ARG A 485 -1.69 -14.98 2.41
C ARG A 485 -1.84 -16.40 2.97
N PRO A 486 -2.12 -17.42 2.10
CA PRO A 486 -2.09 -18.79 2.60
C PRO A 486 -0.77 -19.15 3.30
N CYS A 487 0.36 -18.75 2.73
CA CYS A 487 1.68 -18.99 3.34
C CYS A 487 1.76 -18.43 4.79
N PHE A 488 1.32 -17.20 4.99
CA PHE A 488 1.35 -16.63 6.35
C PHE A 488 0.35 -17.29 7.29
N SER A 489 -0.86 -17.56 6.78
CA SER A 489 -1.89 -18.33 7.45
C SER A 489 -1.39 -19.67 8.07
N ALA A 490 -0.54 -20.38 7.34
CA ALA A 490 -0.18 -21.77 7.68
C ALA A 490 0.89 -21.84 8.78
N LEU A 491 1.54 -20.73 9.07
CA LEU A 491 2.58 -20.70 10.10
C LEU A 491 2.01 -20.86 11.47
N GLY A 492 2.52 -21.84 12.25
CA GLY A 492 2.09 -21.96 13.65
C GLY A 492 3.02 -21.14 14.49
N PRO A 493 2.90 -21.20 15.82
CA PRO A 493 3.96 -20.60 16.69
C PRO A 493 5.35 -21.18 16.38
N ASP A 494 6.36 -20.33 16.47
CA ASP A 494 7.71 -20.68 16.19
C ASP A 494 8.28 -21.24 17.47
N GLU A 495 8.33 -22.56 17.57
CA GLU A 495 8.80 -23.13 18.84
C GLU A 495 10.31 -23.09 19.00
N THR A 496 11.06 -22.80 17.90
CA THR A 496 12.51 -22.64 18.01
C THR A 496 13.03 -21.27 18.52
N TYR A 497 12.20 -20.26 18.63
CA TYR A 497 12.68 -18.98 19.08
C TYR A 497 13.16 -19.01 20.54
N VAL A 498 14.36 -18.50 20.84
CA VAL A 498 14.88 -18.42 22.21
C VAL A 498 14.26 -17.17 22.91
N PRO A 499 13.42 -17.37 23.93
CA PRO A 499 12.81 -16.18 24.54
C PRO A 499 13.82 -15.10 24.93
N LYS A 500 13.51 -13.88 24.50
CA LYS A 500 14.17 -12.65 24.91
C LYS A 500 14.30 -12.53 26.42
N GLU A 501 15.50 -12.14 26.87
CA GLU A 501 15.77 -11.63 28.22
C GLU A 501 14.68 -10.68 28.68
N PHE A 502 14.37 -10.70 29.98
CA PHE A 502 13.45 -9.72 30.56
C PHE A 502 14.13 -8.35 30.43
N ASN A 503 13.47 -7.37 29.80
CA ASN A 503 14.14 -6.07 29.55
C ASN A 503 13.46 -4.78 30.08
N ALA A 504 13.95 -4.37 31.26
CA ALA A 504 13.35 -3.37 32.12
C ALA A 504 12.79 -2.12 31.42
N GLU A 505 13.56 -1.48 30.53
CA GLU A 505 13.19 -0.15 29.96
C GLU A 505 12.19 -0.19 28.84
N THR A 506 12.11 -1.38 28.23
CA THR A 506 11.03 -1.72 27.31
C THR A 506 9.65 -1.90 28.06
N PHE A 507 9.71 -1.85 29.41
CA PHE A 507 8.62 -2.14 30.39
C PHE A 507 8.42 -1.08 31.53
N THR A 508 9.25 -0.04 31.58
CA THR A 508 9.31 1.01 32.66
C THR A 508 9.00 2.33 32.03
N PHE A 509 8.02 3.06 32.56
CA PHE A 509 7.46 4.20 31.82
C PHE A 509 7.66 5.59 32.43
N HIS A 510 7.66 6.66 31.61
CA HIS A 510 7.95 8.10 32.03
C HIS A 510 6.94 9.21 31.53
N ALA A 511 6.86 10.34 32.24
CA ALA A 511 5.73 11.31 32.13
C ALA A 511 5.30 11.92 30.77
N ASP A 512 6.23 11.93 29.80
CA ASP A 512 5.99 12.16 28.35
C ASP A 512 4.66 11.53 27.93
N ILE A 513 4.47 10.34 28.45
CA ILE A 513 3.45 9.45 28.04
C ILE A 513 2.00 9.92 28.37
N CYS A 514 1.89 10.70 29.43
CA CYS A 514 0.63 11.23 29.89
C CYS A 514 0.02 12.22 28.91
N THR A 515 0.85 12.80 28.02
CA THR A 515 0.39 13.76 26.98
C THR A 515 -0.27 13.06 25.79
N LEU A 516 -0.03 11.77 25.64
CA LEU A 516 -0.55 11.01 24.47
C LEU A 516 -2.06 10.86 24.53
N PRO A 517 -2.78 11.07 23.40
CA PRO A 517 -4.26 10.74 23.42
C PRO A 517 -4.48 9.26 23.64
N GLU A 518 -5.68 8.86 24.04
CA GLU A 518 -6.05 7.45 24.29
C GLU A 518 -5.69 6.48 23.15
N THR A 519 -5.81 6.95 21.91
CA THR A 519 -5.42 6.15 20.75
C THR A 519 -3.93 5.82 20.73
N GLU A 520 -3.09 6.76 21.18
CA GLU A 520 -1.66 6.49 21.25
C GLU A 520 -1.32 5.66 22.44
N ARG A 521 -2.09 5.78 23.52
CA ARG A 521 -1.87 4.94 24.66
C ARG A 521 -2.13 3.51 24.25
N LYS A 522 -3.16 3.28 23.43
CA LYS A 522 -3.41 1.90 23.00
C LYS A 522 -2.13 1.34 22.40
N ILE A 523 -1.42 2.11 21.61
CA ILE A 523 -0.29 1.58 20.85
C ILE A 523 0.85 1.24 21.79
N LYS A 524 0.91 2.03 22.85
CA LYS A 524 1.84 1.81 23.91
C LYS A 524 1.51 0.52 24.67
N LYS A 525 0.24 0.35 25.03
CA LYS A 525 -0.20 -0.96 25.63
C LYS A 525 0.19 -2.09 24.68
N GLN A 526 0.00 -1.87 23.39
CA GLN A 526 0.16 -2.94 22.41
C GLN A 526 1.63 -3.16 22.16
N THR A 527 2.42 -2.11 22.16
CA THR A 527 3.91 -2.31 22.12
C THR A 527 4.39 -3.14 23.30
N ALA A 528 3.87 -2.86 24.50
CA ALA A 528 4.21 -3.62 25.69
C ALA A 528 3.88 -5.11 25.57
N LEU A 529 2.66 -5.41 25.05
CA LEU A 529 2.13 -6.78 24.89
C LEU A 529 3.04 -7.62 24.01
N VAL A 530 3.52 -7.00 22.95
CA VAL A 530 4.47 -7.63 22.07
C VAL A 530 5.73 -8.00 22.84
N GLU A 531 6.25 -7.07 23.63
CA GLU A 531 7.49 -7.38 24.43
C GLU A 531 7.27 -8.48 25.49
N LEU A 532 6.05 -8.54 26.04
CA LEU A 532 5.66 -9.64 26.91
C LEU A 532 5.74 -10.96 26.14
N VAL A 533 5.07 -11.02 24.99
CA VAL A 533 5.03 -12.26 24.20
C VAL A 533 6.45 -12.66 23.75
N LYS A 534 7.34 -11.70 23.45
CA LYS A 534 8.70 -12.01 23.12
C LYS A 534 9.45 -12.59 24.33
N HIS A 535 9.15 -12.04 25.50
CA HIS A 535 9.80 -12.51 26.72
C HIS A 535 9.33 -13.89 27.22
N LYS A 536 8.02 -14.09 27.11
CA LYS A 536 7.32 -15.29 27.56
C LYS A 536 6.32 -15.75 26.49
N PRO A 537 6.84 -16.42 25.47
CA PRO A 537 6.04 -16.85 24.32
C PRO A 537 4.90 -17.85 24.64
N HIS A 538 4.99 -18.58 25.75
CA HIS A 538 3.88 -19.43 26.21
C HIS A 538 2.98 -18.74 27.26
N ALA A 539 3.09 -17.42 27.41
CA ALA A 539 2.21 -16.74 28.36
C ALA A 539 0.71 -16.86 27.97
N THR A 540 -0.17 -16.95 28.97
CA THR A 540 -1.55 -17.19 28.68
C THR A 540 -2.21 -15.91 28.48
N ASN A 541 -3.35 -15.98 27.80
CA ASN A 541 -4.17 -14.83 27.56
C ASN A 541 -4.56 -14.18 28.87
N ASP A 542 -4.83 -14.95 29.94
CA ASP A 542 -5.16 -14.31 31.25
C ASP A 542 -3.95 -13.65 31.91
N GLN A 543 -2.79 -14.29 31.79
CA GLN A 543 -1.52 -13.72 32.23
C GLN A 543 -1.32 -12.33 31.53
N LEU A 544 -1.34 -12.31 30.20
CA LEU A 544 -1.15 -11.11 29.43
C LEU A 544 -2.17 -10.01 29.78
N LYS A 545 -3.45 -10.36 29.92
CA LYS A 545 -4.52 -9.38 30.23
C LYS A 545 -4.27 -8.80 31.59
N THR A 546 -3.75 -9.62 32.50
CA THR A 546 -3.39 -9.10 33.82
C THR A 546 -2.22 -8.17 33.83
N VAL A 547 -1.15 -8.46 33.08
CA VAL A 547 -0.05 -7.47 33.01
C VAL A 547 -0.42 -6.15 32.34
N VAL A 548 -1.14 -6.20 31.21
CA VAL A 548 -1.61 -4.95 30.49
C VAL A 548 -2.56 -4.15 31.40
N GLY A 549 -3.34 -4.90 32.19
CA GLY A 549 -4.30 -4.34 33.14
C GLY A 549 -3.54 -3.48 34.15
N GLU A 550 -2.44 -4.02 34.64
CA GLU A 550 -1.59 -3.28 35.57
C GLU A 550 -0.97 -2.05 34.94
N PHE A 551 -0.59 -2.19 33.66
CA PHE A 551 -0.03 -1.10 32.91
C PHE A 551 -1.07 0.03 32.84
N THR A 552 -2.30 -0.33 32.48
CA THR A 552 -3.42 0.58 32.41
C THR A 552 -3.59 1.32 33.73
N ALA A 553 -3.57 0.58 34.88
CA ALA A 553 -3.70 1.19 36.24
C ALA A 553 -2.55 2.15 36.59
N LEU A 554 -1.32 1.73 36.28
CA LEU A 554 -0.18 2.62 36.43
C LEU A 554 -0.47 3.91 35.69
N LEU A 555 -1.01 3.80 34.47
CA LEU A 555 -1.17 5.03 33.68
C LEU A 555 -2.22 5.92 34.26
N ASP A 556 -3.38 5.37 34.56
CA ASP A 556 -4.46 6.17 35.12
C ASP A 556 -4.01 6.89 36.35
N LYS A 557 -3.27 6.18 37.20
CA LYS A 557 -2.76 6.67 38.48
C LYS A 557 -1.71 7.76 38.29
N CYS A 558 -0.59 7.47 37.67
CA CYS A 558 0.40 8.52 37.51
C CYS A 558 0.05 9.69 36.59
N CYS A 559 -0.94 9.51 35.70
CA CYS A 559 -1.40 10.62 34.81
C CYS A 559 -2.35 11.66 35.40
N SER A 560 -2.85 11.39 36.61
CA SER A 560 -3.55 12.41 37.37
C SER A 560 -2.80 12.84 38.67
N ALA A 561 -1.52 12.45 38.80
CA ALA A 561 -0.66 12.92 39.85
C ALA A 561 -0.17 14.31 39.45
N GLU A 562 0.00 15.18 40.46
CA GLU A 562 0.69 16.45 40.29
CA GLU A 562 0.71 16.46 40.28
C GLU A 562 2.20 16.18 40.10
N ASP A 563 2.79 15.26 40.90
CA ASP A 563 4.18 14.88 40.62
C ASP A 563 4.24 13.59 39.80
N LYS A 564 4.32 13.82 38.50
CA LYS A 564 4.21 12.76 37.54
C LYS A 564 5.48 11.86 37.56
N GLU A 565 6.67 12.47 37.48
CA GLU A 565 7.93 11.71 37.47
C GLU A 565 8.12 10.91 38.73
N ALA A 566 7.64 11.44 39.87
CA ALA A 566 7.85 10.71 41.09
C ALA A 566 6.81 9.59 41.37
N CYS A 567 5.58 9.74 40.86
CA CYS A 567 4.66 8.57 40.88
C CYS A 567 5.18 7.49 39.92
N PHE A 568 5.74 7.89 38.80
CA PHE A 568 6.26 6.89 37.93
C PHE A 568 7.40 6.09 38.54
N ALA A 569 8.20 6.75 39.38
CA ALA A 569 9.31 6.12 40.07
C ALA A 569 8.84 5.07 41.13
N VAL A 570 7.89 5.45 41.99
CA VAL A 570 7.24 4.57 42.99
C VAL A 570 6.51 3.35 42.34
N GLU A 571 5.78 3.61 41.25
CA GLU A 571 4.96 2.59 40.60
C GLU A 571 5.68 1.84 39.46
N GLY A 572 6.48 2.53 38.64
CA GLY A 572 7.25 1.92 37.52
C GLY A 572 7.88 0.61 37.91
N PRO A 573 8.86 0.65 38.83
CA PRO A 573 9.46 -0.61 39.27
C PRO A 573 8.48 -1.58 39.99
N LYS A 574 7.46 -1.08 40.69
CA LYS A 574 6.44 -2.01 41.19
C LYS A 574 5.66 -2.78 40.06
N LEU A 575 5.61 -2.24 38.84
CA LEU A 575 5.03 -2.99 37.70
C LEU A 575 5.98 -4.05 37.21
N VAL A 576 7.21 -3.66 36.93
CA VAL A 576 8.31 -4.57 36.59
C VAL A 576 8.32 -5.81 37.52
N GLU A 577 8.09 -5.58 38.79
CA GLU A 577 8.04 -6.62 39.79
C GLU A 577 6.73 -7.44 39.85
N SER A 578 5.62 -6.90 39.36
CA SER A 578 4.39 -7.69 39.38
C SER A 578 4.25 -8.48 38.09
N SER A 579 4.94 -8.02 37.05
CA SER A 579 4.95 -8.67 35.73
C SER A 579 5.61 -9.99 35.79
N LYS A 580 6.88 -9.99 36.22
CA LYS A 580 7.65 -11.18 36.52
C LYS A 580 6.86 -12.21 37.38
N ALA A 581 6.20 -11.72 38.47
CA ALA A 581 5.36 -12.57 39.37
C ALA A 581 4.19 -13.23 38.62
N THR A 582 3.29 -12.45 38.00
CA THR A 582 2.25 -13.02 37.08
C THR A 582 2.76 -13.96 35.97
N LEU A 583 3.90 -13.63 35.37
CA LEU A 583 4.44 -14.42 34.26
C LEU A 583 5.25 -15.64 34.68
N GLY A 584 5.65 -15.68 35.97
CA GLY A 584 6.47 -16.75 36.57
C GLY A 584 7.06 -16.48 37.97
O2 M5A B . -9.50 -13.51 7.83
C9 M5A B . -8.79 -12.63 8.36
C10 M5A B . -9.35 -11.32 8.81
C11 M5A B . -8.78 -10.14 9.28
C12 M5A B . -9.74 -9.17 9.59
C13 M5A B . -11.07 -9.54 9.39
S M5A B . -11.08 -11.16 8.78
C4 M5A B . -7.30 -12.85 8.47
C6 M5A B . -6.44 -12.00 9.21
C2 M5A B . -5.09 -12.30 9.20
C7 M5A B . -6.80 -13.93 7.77
C3 M5A B . -5.44 -14.22 7.75
C1 M5A B . -4.60 -13.40 8.48
C M5A B . -3.15 -13.69 8.48
C5 M5A B . -2.64 -13.84 7.04
C8 M5A B . -2.81 -14.87 9.35
O M5A B . -1.62 -14.98 9.69
O1 M5A B . -3.71 -15.67 9.72
C ACT C . -5.34 -1.76 -10.73
O ACT C . -6.05 -1.48 -9.73
OXT ACT C . -4.13 -1.41 -10.85
CH3 ACT C . -5.97 -2.54 -11.84
C ACT D . -3.63 15.20 7.93
O ACT D . -3.25 14.05 8.26
OXT ACT D . -3.23 16.21 8.53
CH3 ACT D . -4.55 15.35 6.77
C1 PGE E . -0.72 -16.21 -15.75
O1 PGE E . -1.63 -17.36 -15.69
C2 PGE E . -0.97 -15.55 -17.10
O2 PGE E . -0.26 -14.29 -17.19
C3 PGE E . -0.93 -13.53 -18.25
C4 PGE E . -0.61 -12.03 -18.13
O4 PGE E . -1.52 -9.57 -21.21
C6 PGE E . -2.20 -10.86 -21.47
C5 PGE E . -2.11 -11.75 -20.20
O3 PGE E . -1.04 -11.26 -19.29
#